data_3UWK
#
_entry.id   3UWK
#
_cell.length_a   74.341
_cell.length_b   118.063
_cell.length_c   41.918
_cell.angle_alpha   90.00
_cell.angle_beta   90.00
_cell.angle_gamma   90.00
#
_symmetry.space_group_name_H-M   'P 21 21 2'
#
loop_
_entity.id
_entity.type
_entity.pdbx_description
1 polymer 'Thymidylate kinase'
2 non-polymer 1-methyl-6-phenyl-1,3-dihydro-2H-imidazo[4,5-b]pyridin-2-one
3 non-polymer 'MAGNESIUM ION'
4 water water
#
_entity_poly.entity_id   1
_entity_poly.type   'polypeptide(L)'
_entity_poly.pdbx_seq_one_letter_code
;MGSSHHHHHHSSGLVPRGSHMTGLFVTLEGPEGAGKSTNRDYLAERLRERGIEVQLTREPGGTPLAERIRELLLAPSDEP
MAADTELLLMFAARAQHLAGVIRPALARGAVVLCDRFTDATYAYQGGGRGLPEARIAALESFVQGDLRPDLTLVFDLPVE
IGLARAAARGRLDRFEQEDRRFFEAVRQTYLQRAAQAPERYQVLDAGLPLAEVQAGLDRLLPNLLERLNGGS
;
_entity_poly.pdbx_strand_id   A,B
#
# COMPACT_ATOMS: atom_id res chain seq x y z
N GLY A 23 -2.14 9.49 12.75
CA GLY A 23 -3.62 9.24 12.63
C GLY A 23 -3.90 7.82 12.20
N LEU A 24 -5.18 7.43 12.12
CA LEU A 24 -5.48 6.10 11.64
C LEU A 24 -6.63 6.15 10.64
N PHE A 25 -6.53 5.32 9.60
CA PHE A 25 -7.48 5.34 8.48
C PHE A 25 -8.23 4.02 8.46
N VAL A 26 -9.48 4.09 8.89
CA VAL A 26 -10.32 2.91 9.03
C VAL A 26 -11.49 3.08 8.08
N THR A 27 -11.73 2.05 7.29
CA THR A 27 -12.87 2.04 6.43
C THR A 27 -13.86 0.95 6.83
N LEU A 28 -15.12 1.23 6.51
CA LEU A 28 -16.21 0.29 6.75
C LEU A 28 -16.89 0.00 5.43
N GLU A 29 -17.07 -1.29 5.14
CA GLU A 29 -17.66 -1.78 3.90
C GLU A 29 -18.86 -2.70 4.16
N GLY A 30 -19.82 -2.74 3.22
CA GLY A 30 -20.90 -3.72 3.25
C GLY A 30 -22.19 -2.95 2.93
N PRO A 31 -23.35 -3.62 2.98
CA PRO A 31 -24.61 -2.91 2.62
C PRO A 31 -25.19 -2.14 3.83
N GLU A 32 -26.08 -1.19 3.60
CA GLU A 32 -26.47 -0.27 4.68
C GLU A 32 -27.38 -0.95 5.71
N GLY A 33 -28.22 -1.86 5.24
CA GLY A 33 -28.95 -2.75 6.14
C GLY A 33 -28.11 -3.57 7.10
N ALA A 34 -26.80 -3.37 7.07
CA ALA A 34 -25.89 -4.22 7.86
C ALA A 34 -25.52 -3.63 9.23
N GLY A 35 -26.05 -2.46 9.55
CA GLY A 35 -25.79 -1.84 10.86
C GLY A 35 -24.47 -1.12 10.87
N LYS A 36 -23.96 -0.81 9.69
CA LYS A 36 -22.68 -0.12 9.55
C LYS A 36 -22.70 1.19 10.33
N SER A 37 -23.79 1.93 10.19
CA SER A 37 -23.87 3.28 10.72
C SER A 37 -23.90 3.25 12.25
N THR A 38 -24.70 2.36 12.81
CA THR A 38 -24.82 2.31 14.25
C THR A 38 -23.54 1.74 14.86
N ASN A 39 -22.89 0.81 14.17
CA ASN A 39 -21.62 0.29 14.61
C ASN A 39 -20.47 1.27 14.48
N ARG A 40 -20.51 2.10 13.44
CA ARG A 40 -19.56 3.19 13.34
C ARG A 40 -19.72 4.15 14.51
N ASP A 41 -20.95 4.50 14.88
CA ASP A 41 -21.19 5.38 16.04
C ASP A 41 -20.65 4.74 17.33
N TYR A 42 -20.86 3.42 17.45
CA TYR A 42 -20.35 2.66 18.59
C TYR A 42 -18.84 2.78 18.68
N LEU A 43 -18.17 2.48 17.58
CA LEU A 43 -16.72 2.59 17.53
C LEU A 43 -16.29 4.04 17.78
N ALA A 44 -16.98 5.02 17.18
CA ALA A 44 -16.56 6.40 17.40
C ALA A 44 -16.66 6.78 18.90
N GLU A 45 -17.66 6.26 19.60
CA GLU A 45 -17.81 6.62 21.02
C GLU A 45 -16.65 6.06 21.86
N ARG A 46 -16.24 4.84 21.54
CA ARG A 46 -15.11 4.20 22.22
C ARG A 46 -13.81 4.95 21.98
N LEU A 47 -13.67 5.61 20.83
CA LEU A 47 -12.46 6.36 20.60
C LEU A 47 -12.54 7.70 21.26
N ARG A 48 -13.65 8.41 21.13
CA ARG A 48 -13.74 9.74 21.70
C ARG A 48 -13.68 9.74 23.26
N GLU A 49 -14.24 8.72 23.91
CA GLU A 49 -14.12 8.64 25.37
C GLU A 49 -12.68 8.39 25.81
N ARG A 50 -11.83 8.04 24.85
CA ARG A 50 -10.40 7.99 25.11
C ARG A 50 -9.78 9.29 24.59
N GLY A 51 -8.47 9.39 24.46
CA GLY A 51 -8.03 10.67 23.83
C GLY A 51 -8.73 11.23 22.53
N ILE A 52 -9.47 10.41 21.76
CA ILE A 52 -9.22 10.39 20.28
C ILE A 52 -10.17 11.22 19.38
N GLU A 53 -9.59 12.03 18.48
CA GLU A 53 -10.42 12.76 17.51
C GLU A 53 -10.95 11.79 16.46
N VAL A 54 -12.25 11.83 16.20
CA VAL A 54 -12.78 10.95 15.18
C VAL A 54 -13.32 11.82 14.06
N GLN A 55 -13.01 11.48 12.82
CA GLN A 55 -13.61 12.19 11.73
C GLN A 55 -14.46 11.17 11.02
N LEU A 56 -15.77 11.38 11.01
CA LEU A 56 -16.67 10.49 10.30
C LEU A 56 -16.78 10.97 8.86
N THR A 57 -16.86 10.05 7.91
CA THR A 57 -17.02 10.55 6.54
C THR A 57 -17.48 9.38 5.68
N ARG A 58 -17.74 9.61 4.39
CA ARG A 58 -18.36 8.58 3.59
C ARG A 58 -18.02 8.85 2.12
N GLU A 59 -18.02 7.77 1.32
CA GLU A 59 -17.77 7.88 -0.13
C GLU A 59 -18.85 7.17 -0.98
N PRO A 60 -19.16 7.70 -2.17
CA PRO A 60 -18.63 8.95 -2.71
C PRO A 60 -19.22 10.06 -1.86
N GLY A 61 -18.44 11.11 -1.58
CA GLY A 61 -18.97 12.35 -1.02
C GLY A 61 -17.96 12.81 0.05
N GLY A 62 -18.43 13.55 1.06
CA GLY A 62 -17.54 14.01 2.12
C GLY A 62 -16.96 15.41 2.01
N THR A 63 -17.17 16.07 0.86
CA THR A 63 -16.90 17.52 0.70
C THR A 63 -18.00 18.04 -0.21
N PRO A 64 -18.23 19.36 -0.21
CA PRO A 64 -19.29 19.83 -1.09
C PRO A 64 -19.18 19.30 -2.54
N LEU A 65 -17.99 19.35 -3.12
CA LEU A 65 -17.82 18.89 -4.52
C LEU A 65 -17.97 17.36 -4.66
N ALA A 66 -17.33 16.62 -3.77
CA ALA A 66 -17.55 15.17 -3.70
C ALA A 66 -19.03 14.77 -3.57
N GLU A 67 -19.84 15.61 -2.90
CA GLU A 67 -21.24 15.30 -2.67
C GLU A 67 -22.04 15.63 -3.92
N ARG A 68 -21.57 16.60 -4.69
CA ARG A 68 -22.16 16.87 -5.99
C ARG A 68 -21.92 15.70 -6.95
N ILE A 69 -20.72 15.15 -6.91
CA ILE A 69 -20.42 13.89 -7.61
C ILE A 69 -21.19 12.66 -7.16
N ARG A 70 -21.27 12.45 -5.84
CA ARG A 70 -22.28 11.54 -5.28
C ARG A 70 -23.64 11.64 -5.92
N GLU A 71 -24.12 12.85 -6.14
CA GLU A 71 -25.49 12.97 -6.62
C GLU A 71 -25.58 12.48 -8.04
N LEU A 72 -24.54 12.76 -8.83
CA LEU A 72 -24.49 12.28 -10.20
C LEU A 72 -24.45 10.75 -10.24
N LEU A 73 -23.74 10.17 -9.28
CA LEU A 73 -23.61 8.70 -9.21
C LEU A 73 -24.84 7.96 -8.74
N LEU A 74 -25.61 8.58 -7.84
CA LEU A 74 -26.75 7.86 -7.23
C LEU A 74 -28.06 8.17 -7.92
N ALA A 75 -28.18 9.32 -8.58
CA ALA A 75 -29.48 9.69 -9.18
C ALA A 75 -29.81 8.86 -10.43
N PRO A 76 -30.94 8.12 -10.42
CA PRO A 76 -31.28 7.40 -11.65
C PRO A 76 -31.53 8.32 -12.85
N SER A 77 -31.24 7.85 -14.06
CA SER A 77 -31.39 8.66 -15.26
C SER A 77 -31.82 7.82 -16.44
N ASP A 78 -32.43 8.45 -17.44
CA ASP A 78 -32.84 7.74 -18.65
C ASP A 78 -31.68 7.55 -19.60
N GLU A 79 -30.60 8.31 -19.35
CA GLU A 79 -29.32 8.03 -20.01
C GLU A 79 -28.53 7.05 -19.13
N PRO A 80 -28.37 5.80 -19.58
CA PRO A 80 -27.57 4.80 -18.86
C PRO A 80 -26.10 5.24 -18.73
N MET A 81 -25.59 5.20 -17.51
CA MET A 81 -24.23 5.65 -17.29
C MET A 81 -23.23 4.58 -17.68
N ALA A 82 -22.28 4.91 -18.55
CA ALA A 82 -21.23 3.94 -18.89
C ALA A 82 -20.48 3.46 -17.64
N ALA A 83 -20.08 2.18 -17.61
CA ALA A 83 -19.30 1.70 -16.47
C ALA A 83 -17.98 2.45 -16.26
N ASP A 84 -17.30 2.82 -17.34
CA ASP A 84 -16.05 3.51 -17.19
C ASP A 84 -16.33 4.89 -16.60
N THR A 85 -17.44 5.51 -16.99
CA THR A 85 -17.88 6.75 -16.37
C THR A 85 -18.09 6.63 -14.85
N GLU A 86 -18.81 5.60 -14.41
CA GLU A 86 -19.09 5.39 -12.97
C GLU A 86 -17.77 5.23 -12.21
N LEU A 87 -16.87 4.45 -12.80
CA LEU A 87 -15.57 4.17 -12.17
C LEU A 87 -14.73 5.45 -12.02
N LEU A 88 -14.59 6.21 -13.11
CA LEU A 88 -13.91 7.48 -13.06
C LEU A 88 -14.53 8.54 -12.15
N LEU A 89 -15.86 8.64 -12.08
CA LEU A 89 -16.49 9.53 -11.10
C LEU A 89 -16.21 9.11 -9.66
N MET A 90 -16.27 7.80 -9.38
CA MET A 90 -15.94 7.36 -8.02
C MET A 90 -14.53 7.84 -7.65
N PHE A 91 -13.58 7.66 -8.56
CA PHE A 91 -12.19 8.05 -8.26
C PHE A 91 -12.00 9.57 -8.22
N ALA A 92 -12.75 10.32 -9.04
CA ALA A 92 -12.73 11.81 -8.94
C ALA A 92 -13.15 12.28 -7.56
N ALA A 93 -14.26 11.70 -7.06
CA ALA A 93 -14.77 12.06 -5.73
C ALA A 93 -13.71 11.69 -4.70
N ARG A 94 -13.06 10.54 -4.90
CA ARG A 94 -12.04 10.05 -3.92
C ARG A 94 -10.86 11.00 -3.89
N ALA A 95 -10.40 11.44 -5.07
CA ALA A 95 -9.25 12.40 -5.11
C ALA A 95 -9.55 13.70 -4.31
N GLN A 96 -10.75 14.23 -4.47
CA GLN A 96 -11.16 15.46 -3.79
C GLN A 96 -11.26 15.21 -2.25
N HIS A 97 -11.83 14.05 -1.92
CA HIS A 97 -12.10 13.66 -0.52
C HIS A 97 -10.79 13.42 0.20
N LEU A 98 -9.84 12.78 -0.46
CA LEU A 98 -8.52 12.55 0.15
C LEU A 98 -7.86 13.87 0.48
N ALA A 99 -7.91 14.81 -0.47
CA ALA A 99 -7.33 16.15 -0.26
C ALA A 99 -8.13 17.04 0.73
N GLY A 100 -9.45 16.93 0.72
CA GLY A 100 -10.20 17.87 1.49
C GLY A 100 -10.39 17.39 2.93
N VAL A 101 -10.31 16.08 3.14
CA VAL A 101 -10.78 15.53 4.41
C VAL A 101 -9.83 14.46 4.96
N ILE A 102 -9.50 13.46 4.16
CA ILE A 102 -8.82 12.30 4.72
C ILE A 102 -7.39 12.56 5.11
N ARG A 103 -6.61 13.16 4.21
CA ARG A 103 -5.22 13.42 4.53
C ARG A 103 -5.06 14.49 5.63
N PRO A 104 -5.85 15.58 5.58
CA PRO A 104 -5.79 16.46 6.75
C PRO A 104 -6.12 15.77 8.09
N ALA A 105 -7.22 14.99 8.15
CA ALA A 105 -7.55 14.29 9.39
C ALA A 105 -6.37 13.51 9.93
N LEU A 106 -5.79 12.68 9.06
CA LEU A 106 -4.68 11.81 9.43
C LEU A 106 -3.52 12.66 9.89
N ALA A 107 -3.34 13.78 9.21
CA ALA A 107 -2.29 14.75 9.56
C ALA A 107 -2.33 15.24 11.00
N ARG A 108 -3.52 15.48 11.56
CA ARG A 108 -3.60 15.99 12.91
C ARG A 108 -3.87 14.88 13.93
N GLY A 109 -3.63 13.64 13.53
CA GLY A 109 -3.64 12.52 14.44
C GLY A 109 -5.04 11.96 14.66
N ALA A 110 -6.00 12.32 13.82
CA ALA A 110 -7.37 11.84 14.03
C ALA A 110 -7.59 10.43 13.52
N VAL A 111 -8.68 9.81 13.94
CA VAL A 111 -9.02 8.52 13.39
C VAL A 111 -10.16 8.81 12.39
N VAL A 112 -9.96 8.38 11.16
CA VAL A 112 -11.00 8.56 10.13
C VAL A 112 -11.80 7.25 10.09
N LEU A 113 -13.13 7.35 10.15
CA LEU A 113 -14.02 6.21 10.08
C LEU A 113 -14.85 6.54 8.83
N CYS A 114 -14.47 5.90 7.76
CA CYS A 114 -14.95 6.28 6.42
C CYS A 114 -15.88 5.20 5.93
N ASP A 115 -17.14 5.57 5.70
CA ASP A 115 -18.11 4.64 5.12
C ASP A 115 -17.91 4.50 3.60
N ARG A 116 -17.35 3.33 3.21
CA ARG A 116 -16.91 2.89 1.86
C ARG A 116 -15.69 3.60 1.31
N PHE A 117 -14.84 2.81 0.65
CA PHE A 117 -13.63 3.35 0.01
C PHE A 117 -13.28 2.44 -1.17
N THR A 118 -11.99 2.25 -1.47
CA THR A 118 -11.67 1.61 -2.72
C THR A 118 -12.07 0.12 -2.72
N ASP A 119 -12.15 -0.51 -1.55
CA ASP A 119 -12.72 -1.88 -1.56
C ASP A 119 -14.09 -1.93 -2.25
N ALA A 120 -14.88 -0.89 -2.04
CA ALA A 120 -16.22 -0.76 -2.64
C ALA A 120 -16.11 -0.64 -4.16
N THR A 121 -15.05 0.02 -4.64
CA THR A 121 -14.84 0.08 -6.10
C THR A 121 -14.61 -1.36 -6.64
N TYR A 122 -13.72 -2.13 -5.98
CA TYR A 122 -13.50 -3.49 -6.41
C TYR A 122 -14.79 -4.26 -6.39
N ALA A 123 -15.57 -4.06 -5.33
CA ALA A 123 -16.78 -4.87 -5.16
C ALA A 123 -17.90 -4.40 -6.10
N TYR A 124 -18.23 -3.10 -6.14
CA TYR A 124 -19.36 -2.67 -6.98
C TYR A 124 -18.98 -2.53 -8.45
N GLN A 125 -17.88 -1.84 -8.72
CA GLN A 125 -17.49 -1.67 -10.13
C GLN A 125 -16.76 -2.86 -10.74
N GLY A 126 -15.99 -3.60 -9.94
CA GLY A 126 -15.27 -4.77 -10.45
C GLY A 126 -16.22 -5.95 -10.40
N GLY A 127 -16.64 -6.33 -9.20
CA GLY A 127 -17.52 -7.50 -9.08
C GLY A 127 -18.90 -7.23 -9.69
N GLY A 128 -19.53 -6.15 -9.27
CA GLY A 128 -20.89 -5.85 -9.75
C GLY A 128 -21.00 -5.54 -11.23
N ARG A 129 -20.20 -4.59 -11.70
CA ARG A 129 -20.18 -4.19 -13.14
C ARG A 129 -19.33 -5.06 -14.05
N GLY A 130 -18.44 -5.85 -13.47
CA GLY A 130 -17.53 -6.68 -14.24
C GLY A 130 -16.33 -5.97 -14.84
N LEU A 131 -15.99 -4.75 -14.37
CA LEU A 131 -14.77 -4.14 -14.93
C LEU A 131 -13.56 -4.90 -14.42
N PRO A 132 -12.49 -5.00 -15.25
CA PRO A 132 -11.26 -5.68 -14.88
C PRO A 132 -10.65 -5.09 -13.59
N GLU A 133 -10.32 -5.96 -12.63
CA GLU A 133 -9.53 -5.50 -11.49
C GLU A 133 -8.32 -4.64 -11.87
N ALA A 134 -7.62 -4.97 -12.95
CA ALA A 134 -6.44 -4.18 -13.33
C ALA A 134 -6.75 -2.71 -13.55
N ARG A 135 -7.93 -2.43 -14.12
CA ARG A 135 -8.32 -1.07 -14.35
C ARG A 135 -8.52 -0.31 -13.06
N ILE A 136 -9.15 -0.96 -12.10
CA ILE A 136 -9.38 -0.37 -10.79
C ILE A 136 -8.06 -0.18 -10.06
N ALA A 137 -7.21 -1.21 -10.11
CA ALA A 137 -5.89 -1.14 -9.42
C ALA A 137 -5.05 0.03 -9.97
N ALA A 138 -5.13 0.28 -11.29
CA ALA A 138 -4.37 1.39 -11.87
C ALA A 138 -4.80 2.77 -11.41
N LEU A 139 -6.12 3.01 -11.37
CA LEU A 139 -6.70 4.22 -10.76
C LEU A 139 -6.42 4.40 -9.27
N GLU A 140 -6.53 3.30 -8.51
CA GLU A 140 -6.22 3.30 -7.08
C GLU A 140 -4.81 3.87 -6.86
N SER A 141 -3.84 3.33 -7.59
CA SER A 141 -2.45 3.81 -7.44
C SER A 141 -2.29 5.29 -7.88
N PHE A 142 -2.89 5.63 -8.99
CA PHE A 142 -2.82 7.04 -9.44
C PHE A 142 -3.37 8.01 -8.42
N VAL A 143 -4.56 7.70 -7.90
CA VAL A 143 -5.27 8.63 -7.03
C VAL A 143 -4.66 8.69 -5.61
N GLN A 144 -4.33 7.52 -5.08
CA GLN A 144 -3.98 7.38 -3.66
C GLN A 144 -2.49 7.40 -3.36
N GLY A 145 -1.64 7.27 -4.38
CA GLY A 145 -0.21 6.95 -4.10
C GLY A 145 -0.09 5.67 -3.30
N ASP A 146 0.66 5.69 -2.19
CA ASP A 146 0.78 4.50 -1.37
C ASP A 146 -0.26 4.41 -0.24
N LEU A 147 -1.14 5.41 -0.16
CA LEU A 147 -2.14 5.46 0.92
C LEU A 147 -3.16 4.32 0.78
N ARG A 148 -3.23 3.48 1.82
CA ARG A 148 -4.28 2.43 1.94
C ARG A 148 -4.89 2.49 3.34
N PRO A 149 -6.14 2.01 3.49
CA PRO A 149 -6.71 1.92 4.88
C PRO A 149 -5.77 1.13 5.79
N ASP A 150 -5.69 1.55 7.05
CA ASP A 150 -4.93 0.83 8.06
C ASP A 150 -5.73 -0.42 8.44
N LEU A 151 -7.04 -0.30 8.44
CA LEU A 151 -7.89 -1.42 8.71
C LEU A 151 -9.22 -1.20 8.05
N THR A 152 -9.81 -2.29 7.57
CA THR A 152 -11.10 -2.26 6.89
C THR A 152 -12.03 -3.27 7.56
N LEU A 153 -13.18 -2.78 8.01
CA LEU A 153 -14.22 -3.64 8.59
C LEU A 153 -15.26 -4.01 7.55
N VAL A 154 -15.37 -5.30 7.24
CA VAL A 154 -16.39 -5.79 6.35
C VAL A 154 -17.61 -6.28 7.10
N PHE A 155 -18.74 -5.64 6.83
CA PHE A 155 -19.98 -6.08 7.40
C PHE A 155 -20.63 -7.05 6.47
N ASP A 156 -20.40 -8.33 6.70
CA ASP A 156 -20.89 -9.35 5.80
C ASP A 156 -22.31 -9.81 6.10
N LEU A 157 -23.11 -9.96 5.05
CA LEU A 157 -24.55 -10.18 5.20
C LEU A 157 -25.10 -10.91 3.99
N PRO A 158 -25.83 -12.02 4.17
CA PRO A 158 -26.34 -12.72 2.98
C PRO A 158 -27.22 -11.73 2.20
N VAL A 159 -27.27 -11.85 0.88
CA VAL A 159 -27.86 -10.75 0.14
C VAL A 159 -29.37 -10.60 0.30
N GLU A 160 -30.07 -11.69 0.60
CA GLU A 160 -31.52 -11.63 0.78
C GLU A 160 -31.85 -10.66 1.92
N ILE A 161 -31.09 -10.73 3.02
CA ILE A 161 -31.29 -9.76 4.10
C ILE A 161 -30.96 -8.33 3.65
N GLY A 162 -29.77 -8.15 3.08
CA GLY A 162 -29.48 -6.90 2.39
C GLY A 162 -30.59 -6.39 1.46
N LEU A 163 -31.18 -7.29 0.68
CA LEU A 163 -32.20 -6.86 -0.33
C LEU A 163 -33.54 -6.51 0.34
N ALA A 164 -33.94 -7.32 1.31
CA ALA A 164 -35.14 -7.02 2.11
C ALA A 164 -35.03 -5.63 2.73
N ARG A 165 -33.90 -5.37 3.40
CA ARG A 165 -33.69 -4.09 4.09
C ARG A 165 -33.64 -2.90 3.13
N ALA A 166 -33.17 -3.11 1.91
CA ALA A 166 -33.21 -2.06 0.89
C ALA A 166 -34.62 -1.80 0.35
N ALA A 167 -35.40 -2.84 0.16
CA ALA A 167 -36.78 -2.64 -0.22
C ALA A 167 -37.51 -1.85 0.87
N ALA A 168 -37.30 -2.25 2.13
CA ALA A 168 -37.91 -1.55 3.26
C ALA A 168 -37.42 -0.10 3.40
N ARG A 169 -36.15 0.14 3.10
CA ARG A 169 -35.65 1.51 2.92
C ARG A 169 -35.93 1.99 1.50
N ASP A 173 -31.94 4.91 -5.22
CA ASP A 173 -30.74 5.27 -5.97
C ASP A 173 -30.28 4.19 -6.97
N ARG A 174 -29.28 4.51 -7.77
CA ARG A 174 -28.86 3.65 -8.86
C ARG A 174 -28.35 2.31 -8.30
N PHE A 175 -27.82 2.31 -7.09
CA PHE A 175 -27.28 1.04 -6.58
C PHE A 175 -28.32 0.21 -5.81
N GLU A 176 -29.12 0.87 -4.97
CA GLU A 176 -30.27 0.25 -4.32
C GLU A 176 -31.11 -0.53 -5.30
N GLN A 177 -31.20 -0.06 -6.54
CA GLN A 177 -32.05 -0.72 -7.52
C GLN A 177 -31.40 -1.87 -8.29
N GLU A 178 -30.21 -2.28 -7.88
CA GLU A 178 -29.50 -3.32 -8.60
C GLU A 178 -30.09 -4.71 -8.37
N ASP A 179 -29.75 -5.68 -9.23
CA ASP A 179 -30.32 -7.04 -9.14
C ASP A 179 -29.64 -7.99 -8.14
N ARG A 180 -30.04 -9.26 -8.17
CA ARG A 180 -29.59 -10.15 -7.11
C ARG A 180 -28.17 -10.57 -7.41
N ARG A 181 -27.89 -10.79 -8.68
CA ARG A 181 -26.58 -11.30 -9.05
C ARG A 181 -25.52 -10.19 -8.87
N PHE A 182 -25.92 -8.94 -9.03
CA PHE A 182 -25.04 -7.80 -8.73
C PHE A 182 -24.64 -7.84 -7.26
N PHE A 183 -25.64 -7.89 -6.40
CA PHE A 183 -25.36 -7.92 -4.96
C PHE A 183 -24.60 -9.18 -4.47
N GLU A 184 -24.88 -10.32 -5.05
CA GLU A 184 -24.07 -11.53 -4.75
C GLU A 184 -22.59 -11.27 -5.10
N ALA A 185 -22.34 -10.70 -6.28
CA ALA A 185 -20.95 -10.37 -6.70
C ALA A 185 -20.26 -9.40 -5.77
N VAL A 186 -20.97 -8.35 -5.33
CA VAL A 186 -20.49 -7.38 -4.34
C VAL A 186 -20.11 -8.07 -2.99
N ARG A 187 -21.03 -8.82 -2.41
CA ARG A 187 -20.73 -9.57 -1.18
C ARG A 187 -19.46 -10.46 -1.28
N GLN A 188 -19.39 -11.26 -2.32
CA GLN A 188 -18.29 -12.22 -2.42
C GLN A 188 -16.97 -11.51 -2.76
N THR A 189 -17.03 -10.42 -3.52
CA THR A 189 -15.80 -9.66 -3.72
C THR A 189 -15.17 -9.04 -2.52
N TYR A 190 -15.98 -8.53 -1.61
CA TYR A 190 -15.45 -8.12 -0.32
C TYR A 190 -14.78 -9.28 0.43
N LEU A 191 -15.43 -10.43 0.40
CA LEU A 191 -14.92 -11.61 1.11
C LEU A 191 -13.60 -12.10 0.49
N GLN A 192 -13.52 -12.18 -0.84
CA GLN A 192 -12.22 -12.41 -1.53
C GLN A 192 -11.14 -11.38 -1.23
N ARG A 193 -11.48 -10.10 -1.25
CA ARG A 193 -10.48 -9.08 -0.96
C ARG A 193 -9.92 -9.27 0.44
N ALA A 194 -10.83 -9.48 1.40
CA ALA A 194 -10.42 -9.72 2.81
C ALA A 194 -9.47 -10.91 2.96
N ALA A 195 -9.81 -12.02 2.28
CA ALA A 195 -9.03 -13.25 2.34
C ALA A 195 -7.62 -13.10 1.75
N GLN A 196 -7.42 -12.11 0.87
CA GLN A 196 -6.13 -11.98 0.21
C GLN A 196 -5.14 -11.18 1.06
N ALA A 197 -5.65 -10.28 1.91
CA ALA A 197 -4.78 -9.45 2.73
C ALA A 197 -5.29 -9.42 4.15
N PRO A 198 -5.33 -10.59 4.83
CA PRO A 198 -6.11 -10.65 6.07
C PRO A 198 -5.65 -9.71 7.17
N GLU A 199 -4.40 -9.28 7.14
CA GLU A 199 -3.93 -8.39 8.21
C GLU A 199 -4.57 -7.02 8.14
N ARG A 200 -5.23 -6.73 7.01
CA ARG A 200 -5.75 -5.38 6.80
C ARG A 200 -7.26 -5.37 7.03
N TYR A 201 -7.87 -6.55 7.10
CA TYR A 201 -9.35 -6.65 7.16
C TYR A 201 -9.82 -7.34 8.41
N GLN A 202 -11.01 -6.94 8.88
CA GLN A 202 -11.71 -7.77 9.85
C GLN A 202 -13.10 -8.00 9.28
N VAL A 203 -13.48 -9.27 9.03
CA VAL A 203 -14.85 -9.61 8.59
C VAL A 203 -15.78 -9.80 9.80
N LEU A 204 -16.90 -9.06 9.82
CA LEU A 204 -17.91 -9.19 10.86
C LEU A 204 -19.21 -9.76 10.30
N ASP A 205 -19.81 -10.68 11.04
CA ASP A 205 -21.03 -11.37 10.60
C ASP A 205 -22.24 -10.52 10.99
N ALA A 206 -22.70 -9.66 10.08
CA ALA A 206 -23.68 -8.64 10.43
C ALA A 206 -25.06 -9.25 10.51
N GLY A 207 -25.15 -10.56 10.30
CA GLY A 207 -26.36 -11.31 10.60
C GLY A 207 -26.57 -11.62 12.08
N LEU A 208 -25.53 -11.44 12.89
CA LEU A 208 -25.61 -11.65 14.34
C LEU A 208 -26.30 -10.48 15.03
N PRO A 209 -26.83 -10.73 16.24
CA PRO A 209 -27.44 -9.56 16.84
C PRO A 209 -26.35 -8.57 17.21
N LEU A 210 -26.74 -7.31 17.29
CA LEU A 210 -25.84 -6.19 17.48
C LEU A 210 -24.86 -6.39 18.63
N ALA A 211 -25.32 -7.04 19.71
CA ALA A 211 -24.52 -7.25 20.91
C ALA A 211 -23.29 -8.06 20.59
N GLU A 212 -23.43 -9.08 19.73
CA GLU A 212 -22.29 -9.91 19.41
C GLU A 212 -21.40 -9.24 18.37
N VAL A 213 -21.99 -8.47 17.46
CA VAL A 213 -21.17 -7.60 16.57
C VAL A 213 -20.34 -6.55 17.36
N GLN A 214 -20.94 -5.94 18.37
CA GLN A 214 -20.22 -4.91 19.14
C GLN A 214 -19.19 -5.47 20.09
N ALA A 215 -19.50 -6.63 20.66
CA ALA A 215 -18.48 -7.47 21.28
C ALA A 215 -17.29 -7.66 20.36
N GLY A 216 -17.54 -7.96 19.08
CA GLY A 216 -16.45 -8.12 18.13
C GLY A 216 -15.65 -6.86 17.93
N LEU A 217 -16.33 -5.73 17.89
CA LEU A 217 -15.65 -4.43 17.79
C LEU A 217 -14.84 -4.14 19.05
N ASP A 218 -15.40 -4.50 20.21
CA ASP A 218 -14.64 -4.36 21.43
C ASP A 218 -13.37 -5.17 21.35
N ARG A 219 -13.43 -6.37 20.74
CA ARG A 219 -12.22 -7.19 20.62
C ARG A 219 -11.13 -6.63 19.71
N LEU A 220 -11.51 -5.82 18.72
CA LEU A 220 -10.55 -5.22 17.79
C LEU A 220 -9.94 -3.95 18.34
N LEU A 221 -10.57 -3.39 19.35
CA LEU A 221 -10.17 -2.06 19.79
C LEU A 221 -8.72 -2.01 20.25
N PRO A 222 -8.28 -3.02 21.03
CA PRO A 222 -6.87 -3.12 21.45
C PRO A 222 -5.88 -3.06 20.28
N ASN A 223 -6.14 -3.84 19.24
CA ASN A 223 -5.30 -3.82 18.04
C ASN A 223 -5.40 -2.48 17.33
N LEU A 224 -6.62 -1.98 17.22
CA LEU A 224 -6.87 -0.73 16.52
C LEU A 224 -6.13 0.40 17.23
N LEU A 225 -6.14 0.38 18.55
CA LEU A 225 -5.47 1.42 19.35
C LEU A 225 -3.96 1.24 19.24
N GLU A 226 -3.55 -0.03 19.19
CA GLU A 226 -2.18 -0.44 18.84
C GLU A 226 -1.61 0.22 17.55
N ARG A 227 -2.38 0.14 16.46
CA ARG A 227 -1.97 0.74 15.19
C ARG A 227 -1.97 2.27 15.26
N GLY B 23 5.98 -12.49 7.85
CA GLY B 23 7.43 -12.03 7.95
C GLY B 23 7.55 -10.51 7.90
N LEU B 24 8.73 -10.03 7.56
CA LEU B 24 8.90 -8.60 7.39
C LEU B 24 9.74 -8.36 6.17
N PHE B 25 9.37 -7.30 5.44
CA PHE B 25 10.06 -6.93 4.20
C PHE B 25 10.90 -5.68 4.46
N VAL B 26 12.23 -5.87 4.56
CA VAL B 26 13.18 -4.79 4.76
C VAL B 26 14.06 -4.67 3.51
N THR B 27 14.18 -3.45 3.00
CA THR B 27 15.08 -3.19 1.91
C THR B 27 16.23 -2.28 2.35
N LEU B 28 17.37 -2.44 1.69
CA LEU B 28 18.51 -1.61 1.97
C LEU B 28 18.80 -0.84 0.71
N GLU B 29 19.02 0.48 0.81
CA GLU B 29 19.20 1.31 -0.39
C GLU B 29 20.41 2.23 -0.24
N GLY B 30 20.95 2.68 -1.36
CA GLY B 30 22.14 3.49 -1.36
C GLY B 30 23.05 3.05 -2.48
N PRO B 31 24.13 3.82 -2.69
CA PRO B 31 25.10 3.47 -3.72
C PRO B 31 26.03 2.32 -3.34
N GLU B 32 26.73 1.78 -4.33
CA GLU B 32 27.84 0.87 -4.08
C GLU B 32 28.91 1.64 -3.32
N GLY B 33 29.69 0.94 -2.52
CA GLY B 33 30.65 1.57 -1.63
C GLY B 33 30.07 2.16 -0.35
N ALA B 34 28.76 1.95 -0.12
CA ALA B 34 28.11 2.41 1.12
C ALA B 34 28.11 1.37 2.24
N GLY B 35 28.78 0.24 2.04
CA GLY B 35 28.89 -0.79 3.09
C GLY B 35 27.60 -1.61 3.30
N LYS B 36 26.73 -1.62 2.30
CA LYS B 36 25.41 -2.15 2.47
C LYS B 36 25.46 -3.64 2.80
N SER B 37 26.29 -4.40 2.09
CA SER B 37 26.30 -5.84 2.32
C SER B 37 26.96 -6.21 3.63
N THR B 38 28.00 -5.46 3.97
CA THR B 38 28.76 -5.63 5.20
C THR B 38 27.87 -5.31 6.42
N ASN B 39 27.07 -4.25 6.28
CA ASN B 39 26.05 -3.94 7.28
C ASN B 39 24.87 -4.95 7.29
N ARG B 40 24.40 -5.37 6.13
CA ARG B 40 23.32 -6.35 6.23
C ARG B 40 23.70 -7.70 6.80
N ASP B 41 24.97 -8.06 6.68
CA ASP B 41 25.46 -9.28 7.29
C ASP B 41 25.37 -9.13 8.79
N TYR B 42 25.66 -7.90 9.25
CA TYR B 42 25.57 -7.64 10.66
C TYR B 42 24.11 -7.71 11.10
N LEU B 43 23.24 -7.04 10.37
CA LEU B 43 21.81 -7.05 10.75
C LEU B 43 21.26 -8.46 10.72
N ALA B 44 21.67 -9.25 9.74
CA ALA B 44 21.08 -10.58 9.53
C ALA B 44 21.43 -11.48 10.71
N GLU B 45 22.68 -11.43 11.17
CA GLU B 45 23.04 -12.19 12.34
C GLU B 45 22.33 -11.78 13.63
N ARG B 46 22.10 -10.46 13.83
CA ARG B 46 21.26 -10.00 14.95
C ARG B 46 19.92 -10.67 14.93
N LEU B 47 19.35 -10.79 13.74
CA LEU B 47 18.04 -11.41 13.63
C LEU B 47 18.11 -12.92 13.85
N ARG B 48 19.15 -13.56 13.31
CA ARG B 48 19.26 -15.00 13.42
C ARG B 48 19.42 -15.43 14.86
N GLU B 49 20.13 -14.63 15.66
CA GLU B 49 20.39 -15.06 17.04
C GLU B 49 19.13 -14.84 17.90
N ARG B 50 18.14 -14.19 17.31
CA ARG B 50 16.77 -14.20 17.81
C ARG B 50 15.85 -15.31 17.31
N GLY B 51 16.41 -16.31 16.65
CA GLY B 51 15.65 -17.45 16.15
C GLY B 51 14.85 -17.17 14.87
N ILE B 52 15.03 -15.98 14.32
CA ILE B 52 14.29 -15.54 13.12
C ILE B 52 14.96 -15.98 11.81
N GLU B 53 14.18 -16.57 10.89
CA GLU B 53 14.71 -16.94 9.57
C GLU B 53 14.93 -15.67 8.75
N VAL B 54 16.09 -15.55 8.11
CA VAL B 54 16.42 -14.38 7.31
C VAL B 54 16.62 -14.85 5.88
N GLN B 55 16.01 -14.16 4.94
CA GLN B 55 16.26 -14.42 3.55
C GLN B 55 17.05 -13.23 3.00
N LEU B 56 18.30 -13.44 2.65
CA LEU B 56 19.12 -12.41 2.01
C LEU B 56 18.89 -12.42 0.49
N THR B 57 18.64 -11.27 -0.11
CA THR B 57 18.58 -11.19 -1.56
C THR B 57 18.95 -9.82 -2.06
N ARG B 58 18.85 -9.66 -3.39
CA ARG B 58 19.28 -8.38 -4.02
C ARG B 58 18.51 -8.19 -5.32
N GLU B 59 18.45 -6.94 -5.78
CA GLU B 59 17.78 -6.58 -7.04
C GLU B 59 18.68 -5.62 -7.85
N PRO B 60 18.62 -5.72 -9.20
CA PRO B 60 17.94 -6.78 -9.97
C PRO B 60 18.67 -8.10 -9.64
N GLY B 61 17.93 -9.19 -9.56
CA GLY B 61 18.56 -10.50 -9.46
C GLY B 61 17.82 -11.29 -8.39
N GLY B 62 18.49 -12.29 -7.81
CA GLY B 62 17.87 -13.04 -6.72
C GLY B 62 17.27 -14.37 -7.14
N THR B 63 17.05 -14.56 -8.43
CA THR B 63 16.71 -15.87 -9.02
C THR B 63 17.62 -16.08 -10.23
N PRO B 64 17.75 -17.32 -10.71
CA PRO B 64 18.59 -17.54 -11.90
C PRO B 64 18.12 -16.66 -13.04
N LEU B 65 16.83 -16.61 -13.31
CA LEU B 65 16.38 -15.79 -14.45
C LEU B 65 16.57 -14.33 -14.12
N ALA B 66 16.25 -13.93 -12.89
CA ALA B 66 16.43 -12.53 -12.57
C ALA B 66 17.91 -12.12 -12.65
N GLU B 67 18.83 -13.07 -12.40
CA GLU B 67 20.25 -12.71 -12.47
C GLU B 67 20.74 -12.60 -13.94
N ARG B 68 20.07 -13.32 -14.83
CA ARG B 68 20.29 -13.09 -16.27
C ARG B 68 19.88 -11.69 -16.72
N ILE B 69 18.75 -11.24 -16.18
CA ILE B 69 18.37 -9.88 -16.33
C ILE B 69 19.26 -8.84 -15.67
N ARG B 70 19.66 -9.09 -14.44
CA ARG B 70 20.81 -8.36 -13.85
C ARG B 70 21.98 -8.11 -14.77
N GLU B 71 22.49 -9.19 -15.39
CA GLU B 71 23.64 -9.10 -16.26
C GLU B 71 23.37 -8.19 -17.45
N LEU B 72 22.16 -8.24 -18.00
CA LEU B 72 21.85 -7.41 -19.15
C LEU B 72 21.81 -5.95 -18.74
N LEU B 73 21.36 -5.69 -17.50
CA LEU B 73 21.30 -4.32 -16.94
C LEU B 73 22.64 -3.70 -16.47
N LEU B 74 23.53 -4.54 -15.95
CA LEU B 74 24.73 -3.98 -15.31
C LEU B 74 25.95 -4.02 -16.20
N ALA B 75 26.04 -5.09 -16.99
CA ALA B 75 27.17 -5.28 -17.88
C ALA B 75 27.12 -4.15 -18.89
N PRO B 76 28.27 -3.52 -19.16
CA PRO B 76 28.33 -2.49 -20.17
C PRO B 76 27.76 -3.06 -21.45
N SER B 77 27.41 -2.18 -22.40
CA SER B 77 26.74 -2.61 -23.62
C SER B 77 27.19 -1.65 -24.71
N ASP B 78 27.73 -2.19 -25.81
CA ASP B 78 28.11 -1.34 -26.95
C ASP B 78 26.87 -0.63 -27.53
N GLU B 79 25.74 -1.32 -27.57
CA GLU B 79 24.44 -0.69 -27.86
C GLU B 79 23.91 0.04 -26.61
N PRO B 80 23.81 1.38 -26.63
CA PRO B 80 23.25 2.06 -25.43
C PRO B 80 21.80 1.67 -25.22
N MET B 81 21.47 1.40 -23.96
CA MET B 81 20.19 0.84 -23.63
C MET B 81 19.21 2.01 -23.50
N ALA B 82 18.07 1.97 -24.19
CA ALA B 82 17.03 3.02 -23.98
C ALA B 82 16.61 3.05 -22.51
N ALA B 83 16.28 4.25 -22.00
CA ALA B 83 15.79 4.40 -20.62
C ALA B 83 14.55 3.56 -20.36
N ASP B 84 13.59 3.54 -21.29
CA ASP B 84 12.37 2.74 -21.04
C ASP B 84 12.74 1.26 -20.95
N THR B 85 13.72 0.83 -21.76
CA THR B 85 14.15 -0.61 -21.70
C THR B 85 14.70 -0.90 -20.33
N GLU B 86 15.51 0.03 -19.83
CA GLU B 86 16.15 -0.16 -18.52
C GLU B 86 15.09 -0.24 -17.41
N LEU B 87 14.10 0.65 -17.44
CA LEU B 87 13.02 0.61 -16.45
C LEU B 87 12.21 -0.70 -16.53
N LEU B 88 11.85 -1.14 -17.73
CA LEU B 88 11.03 -2.33 -17.85
C LEU B 88 11.77 -3.59 -17.45
N LEU B 89 13.08 -3.65 -17.77
CA LEU B 89 13.91 -4.80 -17.37
C LEU B 89 14.01 -4.82 -15.83
N MET B 90 14.14 -3.67 -15.20
CA MET B 90 14.21 -3.67 -13.72
C MET B 90 12.96 -4.30 -13.17
N PHE B 91 11.81 -3.92 -13.73
CA PHE B 91 10.55 -4.45 -13.27
C PHE B 91 10.27 -5.90 -13.64
N ALA B 92 10.74 -6.34 -14.82
CA ALA B 92 10.71 -7.78 -15.22
C ALA B 92 11.51 -8.61 -14.20
N ALA B 93 12.73 -8.18 -13.85
CA ALA B 93 13.45 -8.93 -12.79
C ALA B 93 12.72 -8.91 -11.42
N ARG B 94 12.09 -7.77 -11.08
CA ARG B 94 11.29 -7.65 -9.85
C ARG B 94 10.10 -8.63 -9.84
N ALA B 95 9.42 -8.76 -10.97
CA ALA B 95 8.26 -9.64 -11.04
C ALA B 95 8.65 -11.10 -10.74
N GLN B 96 9.76 -11.51 -11.32
CA GLN B 96 10.22 -12.88 -11.18
C GLN B 96 10.69 -13.13 -9.73
N HIS B 97 11.39 -12.13 -9.18
CA HIS B 97 11.98 -12.18 -7.80
C HIS B 97 10.86 -12.17 -6.75
N LEU B 98 9.83 -11.33 -6.94
CA LEU B 98 8.67 -11.30 -6.03
C LEU B 98 8.05 -12.66 -5.96
N ALA B 99 7.82 -13.26 -7.13
CA ALA B 99 7.03 -14.47 -7.21
C ALA B 99 7.85 -15.60 -6.64
N GLY B 100 9.12 -15.64 -6.98
CA GLY B 100 9.97 -16.76 -6.65
C GLY B 100 10.69 -16.71 -5.29
N VAL B 101 10.95 -15.52 -4.75
CA VAL B 101 11.74 -15.43 -3.50
C VAL B 101 11.04 -14.58 -2.43
N ILE B 102 10.64 -13.37 -2.76
CA ILE B 102 10.13 -12.47 -1.71
C ILE B 102 8.78 -12.88 -1.11
N ARG B 103 7.75 -13.08 -1.95
CA ARG B 103 6.43 -13.41 -1.38
C ARG B 103 6.49 -14.75 -0.60
N PRO B 104 7.13 -15.78 -1.17
CA PRO B 104 7.22 -17.01 -0.40
C PRO B 104 7.93 -16.88 0.95
N ALA B 105 9.00 -16.09 1.01
CA ALA B 105 9.74 -15.90 2.28
C ALA B 105 8.85 -15.18 3.31
N LEU B 106 8.14 -14.15 2.85
CA LEU B 106 7.24 -13.44 3.72
C LEU B 106 6.14 -14.35 4.28
N ALA B 107 5.68 -15.30 3.47
CA ALA B 107 4.51 -16.12 3.86
C ALA B 107 4.97 -17.13 4.92
N ARG B 108 6.25 -17.45 4.86
CA ARG B 108 6.99 -18.34 5.76
C ARG B 108 7.28 -17.68 7.12
N GLY B 109 7.03 -16.39 7.24
CA GLY B 109 7.41 -15.64 8.44
C GLY B 109 8.87 -15.18 8.48
N ALA B 110 9.55 -15.22 7.33
CA ALA B 110 10.95 -14.81 7.29
C ALA B 110 11.06 -13.29 7.27
N VAL B 111 12.19 -12.78 7.75
CA VAL B 111 12.54 -11.41 7.44
C VAL B 111 13.37 -11.41 6.16
N VAL B 112 12.90 -10.68 5.16
CA VAL B 112 13.64 -10.56 3.91
C VAL B 112 14.50 -9.34 4.07
N LEU B 113 15.80 -9.48 3.85
CA LEU B 113 16.69 -8.32 3.76
C LEU B 113 17.16 -8.17 2.31
N CYS B 114 16.60 -7.23 1.62
CA CYS B 114 16.80 -7.17 0.17
C CYS B 114 17.66 -5.94 -0.15
N ASP B 115 18.79 -6.18 -0.84
CA ASP B 115 19.64 -5.13 -1.29
C ASP B 115 19.07 -4.50 -2.55
N ARG B 116 18.50 -3.30 -2.40
CA ARG B 116 17.80 -2.53 -3.45
C ARG B 116 16.44 -3.09 -3.90
N PHE B 117 15.51 -2.16 -4.11
CA PHE B 117 14.14 -2.47 -4.52
C PHE B 117 13.55 -1.21 -5.22
N THR B 118 12.26 -0.98 -5.11
CA THR B 118 11.67 0.05 -5.93
C THR B 118 12.16 1.45 -5.57
N ASP B 119 12.65 1.67 -4.36
CA ASP B 119 13.21 3.01 -4.11
C ASP B 119 14.38 3.29 -5.03
N ALA B 120 15.21 2.27 -5.29
CA ALA B 120 16.27 2.39 -6.30
C ALA B 120 15.76 2.72 -7.69
N THR B 121 14.58 2.20 -8.04
CA THR B 121 13.96 2.58 -9.32
C THR B 121 13.71 4.09 -9.34
N TYR B 122 13.07 4.62 -8.29
CA TYR B 122 12.81 6.07 -8.26
C TYR B 122 14.12 6.86 -8.32
N ALA B 123 15.15 6.37 -7.61
CA ALA B 123 16.41 7.12 -7.52
C ALA B 123 17.24 7.06 -8.79
N TYR B 124 17.51 5.84 -9.27
CA TYR B 124 18.33 5.62 -10.46
C TYR B 124 17.61 5.94 -11.76
N GLN B 125 16.39 5.41 -11.91
CA GLN B 125 15.71 5.55 -13.19
C GLN B 125 14.92 6.86 -13.20
N GLY B 126 14.36 7.24 -12.05
CA GLY B 126 13.62 8.50 -11.95
C GLY B 126 14.59 9.65 -11.83
N GLY B 127 15.33 9.71 -10.73
CA GLY B 127 16.25 10.84 -10.50
C GLY B 127 17.41 10.88 -11.49
N GLY B 128 18.11 9.76 -11.61
CA GLY B 128 19.34 9.73 -12.38
C GLY B 128 19.02 9.79 -13.87
N ARG B 129 18.09 8.98 -14.35
CA ARG B 129 17.75 9.01 -15.80
C ARG B 129 16.76 10.10 -16.19
N GLY B 130 16.05 10.67 -15.22
CA GLY B 130 15.00 11.64 -15.48
C GLY B 130 13.68 11.07 -15.98
N LEU B 131 13.40 9.77 -15.77
CA LEU B 131 12.08 9.27 -16.14
C LEU B 131 10.97 9.82 -15.21
N PRO B 132 9.77 10.12 -15.76
CA PRO B 132 8.70 10.61 -14.89
C PRO B 132 8.40 9.69 -13.68
N GLU B 133 8.33 10.25 -12.48
CA GLU B 133 7.95 9.47 -11.32
C GLU B 133 6.62 8.73 -11.58
N ALA B 134 5.69 9.38 -12.29
CA ALA B 134 4.40 8.78 -12.60
C ALA B 134 4.52 7.46 -13.30
N ARG B 135 5.50 7.31 -14.19
CA ARG B 135 5.68 6.06 -14.97
C ARG B 135 6.21 4.94 -14.08
N ILE B 136 7.10 5.30 -13.18
CA ILE B 136 7.57 4.31 -12.20
C ILE B 136 6.40 3.86 -11.27
N ALA B 137 5.62 4.82 -10.80
CA ALA B 137 4.55 4.47 -9.86
C ALA B 137 3.59 3.51 -10.54
N ALA B 138 3.33 3.72 -11.84
CA ALA B 138 2.38 2.83 -12.52
C ALA B 138 2.86 1.42 -12.57
N LEU B 139 4.17 1.22 -12.79
CA LEU B 139 4.70 -0.13 -12.93
C LEU B 139 4.84 -0.73 -11.53
N GLU B 140 5.17 0.13 -10.56
CA GLU B 140 5.24 -0.34 -9.16
C GLU B 140 3.92 -1.00 -8.75
N SER B 141 2.82 -0.31 -9.00
CA SER B 141 1.51 -0.87 -8.75
C SER B 141 1.23 -2.12 -9.58
N PHE B 142 1.52 -2.10 -10.88
CA PHE B 142 1.25 -3.28 -11.71
C PHE B 142 2.00 -4.51 -11.22
N VAL B 143 3.29 -4.36 -10.92
CA VAL B 143 4.09 -5.56 -10.62
C VAL B 143 3.86 -6.01 -9.13
N GLN B 144 3.70 -5.05 -8.23
CA GLN B 144 3.72 -5.33 -6.77
C GLN B 144 2.36 -5.49 -6.09
N GLY B 145 1.32 -5.04 -6.77
CA GLY B 145 0.02 -4.78 -6.13
C GLY B 145 0.17 -3.82 -4.98
N ASP B 146 -0.23 -4.26 -3.79
CA ASP B 146 -0.15 -3.44 -2.62
C ASP B 146 1.14 -3.68 -1.83
N LEU B 147 1.95 -4.66 -2.25
CA LEU B 147 3.21 -4.96 -1.52
C LEU B 147 4.25 -3.84 -1.56
N ARG B 148 4.67 -3.36 -0.38
CA ARG B 148 5.72 -2.35 -0.27
C ARG B 148 6.63 -2.82 0.87
N PRO B 149 7.90 -2.37 0.90
CA PRO B 149 8.71 -2.68 2.08
C PRO B 149 8.03 -2.18 3.36
N ASP B 150 8.10 -2.98 4.42
CA ASP B 150 7.72 -2.57 5.78
C ASP B 150 8.71 -1.52 6.35
N LEU B 151 9.99 -1.65 6.01
CA LEU B 151 10.98 -0.68 6.45
C LEU B 151 12.10 -0.64 5.43
N THR B 152 12.56 0.56 5.13
CA THR B 152 13.64 0.78 4.16
C THR B 152 14.81 1.53 4.84
N LEU B 153 16.01 0.95 4.77
CA LEU B 153 17.17 1.56 5.39
C LEU B 153 17.92 2.28 4.27
N VAL B 154 18.09 3.58 4.37
CA VAL B 154 18.84 4.34 3.37
C VAL B 154 20.23 4.61 3.92
N PHE B 155 21.25 4.09 3.22
CA PHE B 155 22.67 4.36 3.53
C PHE B 155 23.19 5.59 2.78
N ASP B 156 23.22 6.73 3.46
CA ASP B 156 23.45 7.97 2.76
C ASP B 156 24.92 8.31 2.81
N LEU B 157 25.52 8.55 1.66
CA LEU B 157 26.96 8.65 1.56
C LEU B 157 27.22 9.84 0.64
N PRO B 158 28.18 10.71 1.03
CA PRO B 158 28.50 11.78 0.12
C PRO B 158 28.98 11.20 -1.22
N VAL B 159 28.54 11.85 -2.26
CA VAL B 159 28.82 11.41 -3.58
C VAL B 159 30.31 11.16 -3.71
N GLU B 160 31.15 12.10 -3.26
CA GLU B 160 32.61 11.95 -3.34
C GLU B 160 33.14 10.61 -2.82
N ILE B 161 32.69 10.20 -1.65
CA ILE B 161 33.15 8.96 -1.01
C ILE B 161 32.80 7.67 -1.77
N GLY B 162 31.57 7.61 -2.25
CA GLY B 162 31.16 6.57 -3.19
C GLY B 162 31.67 6.96 -4.57
N ASP B 173 30.64 -1.88 -14.42
CA ASP B 173 29.20 -1.92 -14.67
C ASP B 173 28.60 -0.57 -15.04
N ARG B 174 27.42 -0.57 -15.67
CA ARG B 174 26.83 0.60 -16.34
C ARG B 174 26.57 1.77 -15.37
N PHE B 175 26.39 1.47 -14.10
CA PHE B 175 25.98 2.53 -13.19
C PHE B 175 27.21 3.15 -12.54
N GLU B 176 28.33 2.42 -12.63
CA GLU B 176 29.72 2.87 -12.38
C GLU B 176 30.09 4.14 -13.13
N GLN B 177 29.75 4.17 -14.41
CA GLN B 177 30.41 5.05 -15.34
C GLN B 177 29.60 6.34 -15.53
N GLU B 178 28.76 6.65 -14.55
CA GLU B 178 27.78 7.73 -14.68
C GLU B 178 28.31 9.13 -14.29
N ASP B 179 27.80 10.19 -14.94
CA ASP B 179 28.24 11.57 -14.63
C ASP B 179 27.77 12.02 -13.26
N ARG B 180 28.44 13.04 -12.71
CA ARG B 180 28.34 13.36 -11.28
C ARG B 180 26.93 13.78 -10.91
N ARG B 181 26.27 14.42 -11.86
CA ARG B 181 24.90 14.87 -11.72
C ARG B 181 24.01 13.66 -11.48
N PHE B 182 24.27 12.56 -12.17
CA PHE B 182 23.52 11.30 -11.95
C PHE B 182 23.59 10.82 -10.50
N PHE B 183 24.80 10.69 -9.97
CA PHE B 183 24.96 10.25 -8.57
C PHE B 183 24.34 11.21 -7.53
N GLU B 184 24.43 12.51 -7.78
CA GLU B 184 23.82 13.50 -6.89
C GLU B 184 22.31 13.31 -6.93
N ALA B 185 21.73 13.11 -8.10
CA ALA B 185 20.25 12.94 -8.21
C ALA B 185 19.80 11.64 -7.49
N VAL B 186 20.55 10.56 -7.65
CA VAL B 186 20.33 9.32 -6.88
C VAL B 186 20.32 9.60 -5.39
N ARG B 187 21.36 10.26 -4.88
CA ARG B 187 21.45 10.51 -3.45
C ARG B 187 20.25 11.30 -2.96
N GLN B 188 19.88 12.32 -3.71
CA GLN B 188 18.86 13.26 -3.28
C GLN B 188 17.47 12.68 -3.35
N THR B 189 17.22 11.82 -4.36
CA THR B 189 15.94 11.16 -4.51
C THR B 189 15.66 10.28 -3.34
N TYR B 190 16.64 9.48 -2.95
CA TYR B 190 16.49 8.67 -1.77
C TYR B 190 16.09 9.47 -0.53
N LEU B 191 16.80 10.56 -0.25
CA LEU B 191 16.49 11.44 0.89
C LEU B 191 15.09 12.04 0.79
N GLN B 192 14.72 12.43 -0.43
CA GLN B 192 13.36 12.93 -0.69
C GLN B 192 12.31 11.90 -0.38
N ARG B 193 12.49 10.65 -0.82
CA ARG B 193 11.45 9.65 -0.65
C ARG B 193 11.31 9.35 0.84
N ALA B 194 12.46 9.32 1.52
CA ALA B 194 12.50 9.08 2.96
C ALA B 194 11.74 10.18 3.72
N ALA B 195 11.96 11.44 3.34
CA ALA B 195 11.23 12.59 3.92
C ALA B 195 9.71 12.57 3.72
N GLN B 196 9.27 11.97 2.61
CA GLN B 196 7.86 12.00 2.24
C GLN B 196 7.03 10.94 2.97
N ALA B 197 7.69 9.87 3.42
CA ALA B 197 7.03 8.81 4.17
C ALA B 197 7.86 8.32 5.38
N PRO B 198 8.08 9.22 6.34
CA PRO B 198 9.07 8.98 7.40
C PRO B 198 8.85 7.69 8.16
N GLU B 199 7.60 7.20 8.28
CA GLU B 199 7.34 5.99 9.06
C GLU B 199 8.06 4.79 8.44
N ARG B 200 8.28 4.85 7.14
CA ARG B 200 8.72 3.66 6.40
C ARG B 200 10.25 3.61 6.25
N TYR B 201 10.93 4.68 6.62
CA TYR B 201 12.36 4.79 6.35
C TYR B 201 13.21 5.10 7.59
N GLN B 202 14.45 4.59 7.58
CA GLN B 202 15.50 5.07 8.48
C GLN B 202 16.71 5.48 7.65
N VAL B 203 17.21 6.69 7.82
CA VAL B 203 18.38 7.14 7.09
C VAL B 203 19.65 6.99 7.97
N LEU B 204 20.65 6.31 7.49
CA LEU B 204 21.90 6.11 8.24
C LEU B 204 23.00 6.93 7.56
N ASP B 205 23.93 7.45 8.34
CA ASP B 205 25.10 8.08 7.73
C ASP B 205 26.14 7.05 7.40
N ALA B 206 26.20 6.65 6.13
CA ALA B 206 27.03 5.54 5.74
C ALA B 206 28.48 5.99 5.64
N GLY B 207 28.72 7.30 5.74
CA GLY B 207 30.11 7.82 5.79
C GLY B 207 30.86 7.68 7.10
N LEU B 208 30.16 7.40 8.19
CA LEU B 208 30.80 7.20 9.51
C LEU B 208 31.66 5.93 9.59
N PRO B 209 32.60 5.88 10.54
CA PRO B 209 33.34 4.63 10.74
C PRO B 209 32.36 3.42 10.89
N LEU B 210 32.79 2.26 10.43
CA LEU B 210 32.01 1.02 10.54
C LEU B 210 31.32 0.83 11.89
N ALA B 211 32.07 1.00 13.00
CA ALA B 211 31.50 0.67 14.32
C ALA B 211 30.33 1.59 14.63
N GLU B 212 30.36 2.81 14.10
CA GLU B 212 29.25 3.75 14.35
C GLU B 212 28.07 3.36 13.50
N VAL B 213 28.33 2.89 12.28
CA VAL B 213 27.22 2.46 11.43
C VAL B 213 26.55 1.22 12.04
N GLN B 214 27.36 0.27 12.50
CA GLN B 214 26.89 -0.93 13.21
C GLN B 214 26.10 -0.58 14.47
N ALA B 215 26.56 0.41 15.24
CA ALA B 215 25.81 0.88 16.39
C ALA B 215 24.42 1.40 15.98
N GLY B 216 24.33 2.18 14.90
CA GLY B 216 23.00 2.66 14.44
C GLY B 216 22.09 1.50 14.05
N LEU B 217 22.68 0.44 13.54
CA LEU B 217 21.91 -0.78 13.19
C LEU B 217 21.37 -1.51 14.43
N ASP B 218 22.22 -1.76 15.43
CA ASP B 218 21.71 -2.30 16.71
C ASP B 218 20.51 -1.50 17.25
N ARG B 219 20.57 -0.17 17.11
CA ARG B 219 19.56 0.73 17.65
C ARG B 219 18.21 0.62 16.94
N LEU B 220 18.23 -0.03 15.77
CA LEU B 220 17.06 -0.38 14.96
C LEU B 220 16.27 -1.57 15.41
N LEU B 221 16.93 -2.48 16.16
CA LEU B 221 16.36 -3.79 16.42
C LEU B 221 15.03 -3.71 17.17
N PRO B 222 14.94 -2.85 18.19
CA PRO B 222 13.68 -2.77 18.90
C PRO B 222 12.52 -2.45 17.97
N ASN B 223 12.70 -1.45 17.12
CA ASN B 223 11.63 -1.05 16.22
C ASN B 223 11.38 -2.12 15.18
N LEU B 224 12.44 -2.86 14.85
CA LEU B 224 12.35 -3.93 13.87
C LEU B 224 11.48 -5.06 14.38
N LEU B 225 11.69 -5.42 15.62
CA LEU B 225 10.97 -6.52 16.19
C LEU B 225 9.51 -6.12 16.44
N GLU B 226 9.31 -4.83 16.71
CA GLU B 226 7.96 -4.30 16.91
C GLU B 226 7.11 -4.42 15.65
N ARG B 227 7.72 -4.20 14.49
CA ARG B 227 6.99 -4.31 13.22
C ARG B 227 6.72 -5.79 12.91
N LEU B 228 7.63 -6.66 13.34
CA LEU B 228 7.56 -8.09 13.08
C LEU B 228 6.54 -8.77 13.97
#